data_6Q85
#
_entry.id   6Q85
#
_cell.length_a   132.785
_cell.length_b   132.785
_cell.length_c   190.554
_cell.angle_alpha   90.000
_cell.angle_beta   90.000
_cell.angle_gamma   120.000
#
_symmetry.space_group_name_H-M   'P 65 2 2'
#
loop_
_entity.id
_entity.type
_entity.pdbx_description
1 polymer 'Fucose-binding lectin'
2 polymer SB11
3 non-polymer 'CALCIUM ION'
4 non-polymer '3,7-anhydro-2,8-dideoxy-L-glycero-D-gluco-octonic acid'
5 non-polymer 'AMINO GROUP'
6 water water
#
loop_
_entity_poly.entity_id
_entity_poly.type
_entity_poly.pdbx_seq_one_letter_code
_entity_poly.pdbx_strand_id
1 'polypeptide(L)'
;ATQGVFTLPANTRFGVTAFANSSGTQTVNVLVNNETAATFSGQSTNNAVIGTQVLNSGSSGKVQVQVSVNGRPSDLVSAQ
VILTNELNFALVGSEDGTDNDYNDAVVVINWPLG
;
A,B,C,D
2 'polypeptide(D)' (DLE)(DLE)(DLY)(DAL)(DLE)(DLY)(DLY)(DLE)(DAL)(DLY)(DLY)(DTY) E,F,G,H
#
# COMPACT_ATOMS: atom_id res chain seq x y z
N ALA A 1 -8.58 15.35 2.81
CA ALA A 1 -7.28 15.34 3.51
C ALA A 1 -6.16 15.80 2.61
N THR A 2 -5.09 16.31 3.22
CA THR A 2 -3.91 16.71 2.47
C THR A 2 -3.32 15.50 1.75
N GLN A 3 -2.90 15.71 0.50
CA GLN A 3 -2.32 14.67 -0.33
C GLN A 3 -1.04 15.17 -0.97
N GLY A 4 -0.15 14.24 -1.30
CA GLY A 4 1.10 14.57 -1.95
C GLY A 4 2.18 15.11 -1.04
N VAL A 5 2.02 14.99 0.28
CA VAL A 5 3.02 15.43 1.25
C VAL A 5 3.59 14.20 1.95
N PHE A 6 4.91 14.10 2.00
CA PHE A 6 5.57 12.93 2.58
C PHE A 6 6.71 13.36 3.49
N THR A 7 6.84 12.69 4.64
CA THR A 7 7.99 12.87 5.53
C THR A 7 9.00 11.76 5.24
N LEU A 8 10.13 12.12 4.64
CA LEU A 8 11.24 11.22 4.39
C LEU A 8 12.22 11.30 5.55
N PRO A 9 13.08 10.31 5.72
CA PRO A 9 14.21 10.50 6.64
C PRO A 9 15.05 11.68 6.17
N ALA A 10 15.57 12.43 7.14
CA ALA A 10 16.37 13.59 6.80
C ALA A 10 17.63 13.17 6.07
N ASN A 11 18.10 14.05 5.18
CA ASN A 11 19.44 13.93 4.58
C ASN A 11 19.60 12.64 3.80
N THR A 12 18.54 12.25 3.10
CA THR A 12 18.50 11.03 2.35
C THR A 12 18.25 11.36 0.88
N ARG A 13 19.04 10.74 0.00
CA ARG A 13 18.80 10.86 -1.42
C ARG A 13 17.56 10.05 -1.79
N PHE A 14 16.73 10.61 -2.68
CA PHE A 14 15.53 9.94 -3.14
C PHE A 14 15.34 10.23 -4.62
N GLY A 15 14.68 9.31 -5.32
CA GLY A 15 14.34 9.51 -6.70
C GLY A 15 12.92 10.04 -6.83
N VAL A 16 12.70 10.87 -7.83
CA VAL A 16 11.36 11.31 -8.19
C VAL A 16 11.22 11.23 -9.70
N THR A 17 10.16 10.55 -10.15
CA THR A 17 9.88 10.33 -11.56
C THR A 17 8.41 10.64 -11.83
N ALA A 18 8.14 11.27 -12.96
CA ALA A 18 6.79 11.69 -13.32
C ALA A 18 6.43 11.09 -14.68
N PHE A 19 5.24 10.51 -14.77
CA PHE A 19 4.65 10.00 -16.01
C PHE A 19 3.42 10.84 -16.35
N ALA A 20 3.10 10.95 -17.65
CA ALA A 20 1.94 11.71 -18.10
C ALA A 20 0.98 10.84 -18.89
N ASN A 21 -0.32 11.05 -18.66
CA ASN A 21 -1.40 10.33 -19.33
C ASN A 21 -2.57 11.29 -19.50
N SER A 22 -2.41 12.26 -20.40
CA SER A 22 -3.41 13.31 -20.55
C SER A 22 -3.10 14.12 -21.80
N SER A 23 -4.15 14.71 -22.36
CA SER A 23 -3.98 15.69 -23.44
C SER A 23 -3.51 17.04 -22.91
N GLY A 24 -3.58 17.28 -21.61
CA GLY A 24 -3.08 18.52 -21.03
C GLY A 24 -1.61 18.38 -20.66
N THR A 25 -0.85 19.44 -20.94
CA THR A 25 0.54 19.49 -20.52
C THR A 25 0.61 19.52 -19.00
N GLN A 26 1.37 18.59 -18.43
CA GLN A 26 1.47 18.45 -16.98
C GLN A 26 2.68 19.22 -16.46
N THR A 27 2.47 19.97 -15.38
CA THR A 27 3.57 20.64 -14.66
C THR A 27 3.63 20.05 -13.26
N VAL A 28 4.73 19.35 -12.97
CA VAL A 28 4.94 18.70 -11.67
C VAL A 28 6.03 19.45 -10.92
N ASN A 29 5.70 19.97 -9.75
CA ASN A 29 6.64 20.66 -8.88
C ASN A 29 6.94 19.80 -7.67
N VAL A 30 8.23 19.61 -7.38
CA VAL A 30 8.68 18.86 -6.21
C VAL A 30 9.31 19.86 -5.24
N LEU A 31 8.67 20.02 -4.10
CA LEU A 31 9.13 20.92 -3.06
C LEU A 31 9.82 20.13 -1.95
N VAL A 32 11.00 20.60 -1.55
CA VAL A 32 11.72 20.07 -0.39
C VAL A 32 11.85 21.19 0.63
N ASN A 33 11.41 20.91 1.86
CA ASN A 33 11.37 21.91 2.94
C ASN A 33 10.69 23.19 2.48
N ASN A 34 9.54 23.02 1.82
CA ASN A 34 8.68 24.09 1.31
C ASN A 34 9.34 24.92 0.22
N GLU A 35 10.51 24.53 -0.27
CA GLU A 35 11.18 25.23 -1.36
C GLU A 35 11.26 24.33 -2.59
N THR A 36 10.92 24.89 -3.75
CA THR A 36 10.94 24.13 -5.00
C THR A 36 12.33 23.55 -5.24
N ALA A 37 12.37 22.25 -5.49
CA ALA A 37 13.62 21.54 -5.73
C ALA A 37 13.72 20.96 -7.13
N ALA A 38 12.59 20.68 -7.79
CA ALA A 38 12.60 20.20 -9.16
C ALA A 38 11.26 20.52 -9.79
N THR A 39 11.26 20.67 -11.12
CA THR A 39 10.06 20.92 -11.90
C THR A 39 10.12 20.12 -13.20
N PHE A 40 9.09 19.33 -13.45
CA PHE A 40 8.95 18.58 -14.69
C PHE A 40 7.75 19.12 -15.46
N SER A 41 7.90 19.17 -16.77
CA SER A 41 6.84 19.61 -17.67
C SER A 41 6.87 18.73 -18.92
N GLY A 42 5.68 18.31 -19.37
CA GLY A 42 5.59 17.52 -20.57
C GLY A 42 4.17 17.06 -20.86
N GLN A 43 3.91 16.63 -22.10
CA GLN A 43 2.60 16.11 -22.49
C GLN A 43 2.77 14.72 -23.07
N SER A 44 1.90 13.80 -22.66
CA SER A 44 1.86 12.47 -23.22
C SER A 44 0.53 11.83 -22.86
N THR A 45 -0.01 11.04 -23.79
CA THR A 45 -1.12 10.16 -23.47
C THR A 45 -0.69 8.70 -23.41
N ASN A 46 0.61 8.43 -23.38
CA ASN A 46 1.12 7.07 -23.40
C ASN A 46 2.16 6.84 -22.31
N ASN A 47 1.96 7.46 -21.14
CA ASN A 47 2.74 7.17 -19.94
C ASN A 47 4.22 7.53 -20.10
N ALA A 48 4.54 8.49 -20.97
CA ALA A 48 5.94 8.88 -21.16
C ALA A 48 6.52 9.47 -19.88
N VAL A 49 7.78 9.16 -19.61
CA VAL A 49 8.50 9.79 -18.50
C VAL A 49 8.73 11.25 -18.86
N ILE A 50 8.09 12.18 -18.13
CA ILE A 50 8.31 13.60 -18.41
C ILE A 50 9.40 14.20 -17.55
N GLY A 51 9.97 13.44 -16.62
CA GLY A 51 11.09 13.92 -15.85
C GLY A 51 11.50 12.92 -14.78
N THR A 52 12.80 12.81 -14.54
CA THR A 52 13.29 11.95 -13.48
C THR A 52 14.54 12.60 -12.89
N GLN A 53 14.66 12.56 -11.58
CA GLN A 53 15.74 13.27 -10.91
C GLN A 53 16.03 12.63 -9.56
N VAL A 54 17.26 12.84 -9.08
CA VAL A 54 17.66 12.48 -7.73
C VAL A 54 17.74 13.75 -6.89
N LEU A 55 17.12 13.73 -5.72
CA LEU A 55 17.13 14.87 -4.80
C LEU A 55 17.54 14.41 -3.41
N ASN A 56 17.77 15.37 -2.53
CA ASN A 56 18.08 15.11 -1.12
C ASN A 56 16.96 15.68 -0.26
N SER A 57 16.48 14.89 0.70
CA SER A 57 15.38 15.29 1.56
C SER A 57 15.75 16.42 2.53
N GLY A 58 17.02 16.78 2.64
CA GLY A 58 17.43 17.89 3.48
C GLY A 58 17.21 17.59 4.96
N SER A 59 17.37 18.65 5.76
CA SER A 59 17.26 18.49 7.20
C SER A 59 15.82 18.24 7.65
N SER A 60 14.83 18.74 6.90
CA SER A 60 13.44 18.56 7.34
C SER A 60 12.88 17.22 6.89
N GLY A 61 13.28 16.72 5.72
CA GLY A 61 12.69 15.53 5.16
C GLY A 61 11.31 15.70 4.57
N LYS A 62 10.77 16.91 4.56
CA LYS A 62 9.43 17.17 4.05
C LYS A 62 9.48 17.34 2.53
N VAL A 63 8.83 16.43 1.82
CA VAL A 63 8.76 16.46 0.36
C VAL A 63 7.30 16.62 -0.04
N GLN A 64 7.03 17.58 -0.91
CA GLN A 64 5.67 17.84 -1.38
C GLN A 64 5.64 17.86 -2.90
N VAL A 65 4.68 17.13 -3.47
CA VAL A 65 4.45 17.06 -4.91
C VAL A 65 3.22 17.89 -5.23
N GLN A 66 3.34 18.81 -6.18
CA GLN A 66 2.24 19.61 -6.69
C GLN A 66 2.13 19.42 -8.20
N VAL A 67 0.90 19.33 -8.70
CA VAL A 67 0.64 19.13 -10.12
C VAL A 67 -0.36 20.19 -10.57
N SER A 68 -0.05 20.87 -11.67
CA SER A 68 -0.97 21.84 -12.22
C SER A 68 -1.07 21.66 -13.73
N VAL A 69 -2.27 21.91 -14.24
CA VAL A 69 -2.56 21.87 -15.66
C VAL A 69 -3.34 23.14 -15.99
N ASN A 70 -2.88 23.86 -17.01
CA ASN A 70 -3.44 25.16 -17.38
C ASN A 70 -3.42 26.12 -16.18
N GLY A 71 -2.34 26.07 -15.40
CA GLY A 71 -2.23 26.88 -14.21
C GLY A 71 -3.21 26.55 -13.11
N ARG A 72 -3.99 25.47 -13.26
CA ARG A 72 -4.96 25.05 -12.26
C ARG A 72 -4.45 23.82 -11.53
N PRO A 73 -4.50 23.79 -10.19
CA PRO A 73 -3.99 22.62 -9.46
C PRO A 73 -4.87 21.39 -9.68
N SER A 74 -4.24 20.28 -10.03
CA SER A 74 -4.96 19.02 -10.16
C SER A 74 -5.30 18.46 -8.78
N ASP A 75 -6.37 17.67 -8.74
CA ASP A 75 -6.73 16.96 -7.52
C ASP A 75 -5.81 15.77 -7.33
N LEU A 76 -5.20 15.66 -6.15
CA LEU A 76 -4.19 14.64 -5.90
C LEU A 76 -4.74 13.50 -5.06
N VAL A 77 -4.23 12.30 -5.33
CA VAL A 77 -4.33 11.15 -4.43
C VAL A 77 -2.91 10.65 -4.19
N SER A 78 -2.67 10.17 -2.98
CA SER A 78 -1.31 9.77 -2.64
C SER A 78 -1.35 8.72 -1.54
N ALA A 79 -0.26 7.94 -1.48
CA ALA A 79 0.00 7.08 -0.34
C ALA A 79 1.48 6.73 -0.34
N GLN A 80 1.95 6.21 0.78
CA GLN A 80 3.30 5.68 0.92
C GLN A 80 3.21 4.21 1.32
N VAL A 81 4.04 3.37 0.71
CA VAL A 81 4.06 1.95 1.01
C VAL A 81 5.51 1.51 1.23
N ILE A 82 5.73 0.69 2.25
CA ILE A 82 7.06 0.23 2.63
C ILE A 82 7.09 -1.29 2.54
N LEU A 83 8.08 -1.80 1.81
CA LEU A 83 8.28 -3.23 1.62
C LEU A 83 9.49 -3.69 2.41
N THR A 84 9.37 -4.88 3.02
CA THR A 84 10.34 -5.49 3.93
C THR A 84 10.99 -4.44 4.83
N ASN A 85 10.18 -3.52 5.37
CA ASN A 85 10.60 -2.53 6.36
C ASN A 85 11.77 -1.69 5.89
N GLU A 86 11.94 -1.53 4.57
CA GLU A 86 13.19 -0.96 4.07
C GLU A 86 13.01 -0.18 2.77
N LEU A 87 12.21 -0.70 1.85
CA LEU A 87 12.06 -0.13 0.52
C LEU A 87 10.81 0.74 0.49
N ASN A 88 10.98 2.02 0.15
CA ASN A 88 9.91 3.01 0.27
C ASN A 88 9.47 3.50 -1.10
N PHE A 89 8.16 3.56 -1.30
CA PHE A 89 7.54 4.26 -2.42
C PHE A 89 6.58 5.31 -1.89
N ALA A 90 6.71 6.54 -2.37
CA ALA A 90 5.70 7.57 -2.17
C ALA A 90 5.03 7.81 -3.51
N LEU A 91 3.72 7.60 -3.56
CA LEU A 91 2.98 7.50 -4.82
C LEU A 91 1.95 8.61 -4.92
N VAL A 92 1.90 9.27 -6.08
CA VAL A 92 0.97 10.36 -6.32
C VAL A 92 0.23 10.11 -7.62
N GLY A 93 -1.10 10.25 -7.58
CA GLY A 93 -1.91 10.37 -8.78
C GLY A 93 -2.60 11.72 -8.84
N SER A 94 -3.06 12.12 -10.02
CA SER A 94 -3.65 13.45 -10.17
C SER A 94 -4.69 13.46 -11.29
N GLU A 95 -5.73 14.26 -11.09
CA GLU A 95 -6.81 14.40 -12.04
C GLU A 95 -6.90 15.86 -12.45
N ASP A 96 -6.87 16.12 -13.75
CA ASP A 96 -6.90 17.49 -14.28
C ASP A 96 -8.23 17.84 -14.93
N GLY A 97 -9.16 16.88 -15.03
CA GLY A 97 -10.41 17.08 -15.72
C GLY A 97 -11.54 16.37 -15.03
N THR A 98 -12.38 15.66 -15.80
CA THR A 98 -13.63 15.12 -15.30
C THR A 98 -13.74 13.61 -15.32
N ASP A 99 -12.91 12.90 -16.10
CA ASP A 99 -13.07 11.46 -16.22
C ASP A 99 -12.58 10.69 -15.00
N ASN A 100 -11.87 11.36 -14.08
CA ASN A 100 -11.50 10.76 -12.81
C ASN A 100 -10.69 9.47 -12.97
N ASP A 101 -9.82 9.43 -13.98
CA ASP A 101 -8.89 8.30 -14.05
C ASP A 101 -7.65 8.51 -13.20
N TYR A 102 -7.39 9.75 -12.77
CA TYR A 102 -6.35 10.10 -11.79
C TYR A 102 -4.96 9.69 -12.22
N ASN A 103 -4.71 9.50 -13.51
CA ASN A 103 -3.40 9.14 -14.02
C ASN A 103 -2.76 10.29 -14.81
N ASP A 104 -3.37 11.47 -14.81
CA ASP A 104 -2.98 12.51 -15.76
C ASP A 104 -1.52 12.89 -15.60
N ALA A 105 -1.07 13.02 -14.35
CA ALA A 105 0.34 12.95 -13.99
C ALA A 105 0.48 11.93 -12.86
N VAL A 106 1.34 10.94 -13.07
CA VAL A 106 1.65 9.94 -12.05
C VAL A 106 3.09 10.21 -11.58
N VAL A 107 3.27 10.31 -10.27
CA VAL A 107 4.58 10.64 -9.69
C VAL A 107 4.99 9.55 -8.72
N VAL A 108 6.17 8.99 -8.93
CA VAL A 108 6.74 7.96 -8.07
C VAL A 108 7.98 8.52 -7.40
N ILE A 109 7.99 8.50 -6.07
CA ILE A 109 9.16 8.80 -5.25
C ILE A 109 9.64 7.50 -4.62
N ASN A 110 10.95 7.22 -4.69
CA ASN A 110 11.48 5.98 -4.15
C ASN A 110 12.78 6.22 -3.41
N TRP A 111 12.99 5.47 -2.34
CA TRP A 111 14.23 5.50 -1.57
C TRP A 111 14.29 4.24 -0.72
N PRO A 112 15.50 3.84 -0.27
CA PRO A 112 16.79 4.50 -0.50
C PRO A 112 17.33 4.28 -1.92
N LEU A 113 18.32 5.07 -2.30
CA LEU A 113 19.02 4.93 -3.57
C LEU A 113 20.38 4.31 -3.32
N GLY A 114 21.12 4.08 -4.42
CA GLY A 114 22.48 3.59 -4.32
C GLY A 114 22.58 2.10 -4.09
N ALA C 1 6.66 -16.40 0.16
CA ALA C 1 5.56 -16.33 -0.79
C ALA C 1 6.03 -15.86 -2.15
N THR C 2 5.28 -16.25 -3.19
CA THR C 2 5.52 -15.74 -4.53
C THR C 2 5.47 -14.21 -4.53
N GLN C 3 6.43 -13.61 -5.22
CA GLN C 3 6.52 -12.16 -5.33
C GLN C 3 6.76 -11.79 -6.78
N GLY C 4 6.35 -10.57 -7.15
CA GLY C 4 6.53 -10.10 -8.51
C GLY C 4 5.55 -10.63 -9.53
N VAL C 5 4.42 -11.20 -9.11
CA VAL C 5 3.40 -11.71 -10.00
C VAL C 5 2.10 -10.97 -9.72
N PHE C 6 1.50 -10.41 -10.77
CA PHE C 6 0.33 -9.54 -10.64
C PHE C 6 -0.72 -9.94 -11.65
N THR C 7 -1.96 -10.04 -11.20
CA THR C 7 -3.09 -10.25 -12.10
C THR C 7 -3.68 -8.88 -12.44
N LEU C 8 -3.46 -8.43 -13.65
CA LEU C 8 -4.07 -7.22 -14.13
C LEU C 8 -5.42 -7.55 -14.76
N PRO C 9 -6.27 -6.55 -14.98
CA PRO C 9 -7.43 -6.77 -15.86
C PRO C 9 -6.95 -7.22 -17.23
N ALA C 10 -7.74 -8.09 -17.86
CA ALA C 10 -7.37 -8.65 -19.15
C ALA C 10 -7.28 -7.57 -20.21
N ASN C 11 -6.39 -7.80 -21.18
CA ASN C 11 -6.34 -7.01 -22.42
C ASN C 11 -6.14 -5.52 -22.14
N THR C 12 -5.37 -5.20 -21.11
CA THR C 12 -5.24 -3.85 -20.63
C THR C 12 -3.82 -3.36 -20.83
N ARG C 13 -3.66 -2.17 -21.37
CA ARG C 13 -2.35 -1.57 -21.52
C ARG C 13 -1.86 -1.01 -20.19
N PHE C 14 -0.60 -1.28 -19.89
CA PHE C 14 0.01 -0.85 -18.66
C PHE C 14 1.44 -0.40 -18.96
N GLY C 15 1.96 0.49 -18.12
CA GLY C 15 3.35 0.89 -18.20
C GLY C 15 4.20 0.07 -17.25
N VAL C 16 5.44 -0.21 -17.68
CA VAL C 16 6.42 -0.86 -16.81
C VAL C 16 7.73 -0.11 -16.93
N THR C 17 8.29 0.29 -15.78
CA THR C 17 9.48 1.11 -15.71
C THR C 17 10.43 0.53 -14.67
N ALA C 18 11.71 0.45 -15.01
CA ALA C 18 12.71 -0.14 -14.13
C ALA C 18 13.83 0.86 -13.82
N PHE C 19 14.22 0.91 -12.55
CA PHE C 19 15.32 1.73 -12.05
C PHE C 19 16.40 0.82 -11.49
N ALA C 20 17.66 1.25 -11.55
CA ALA C 20 18.78 0.49 -11.04
C ALA C 20 19.50 1.25 -9.94
N ASN C 21 19.81 0.56 -8.83
CA ASN C 21 20.59 1.09 -7.71
C ASN C 21 21.58 0.03 -7.22
N SER C 22 22.58 -0.29 -8.05
CA SER C 22 23.50 -1.37 -7.72
C SER C 22 24.71 -1.32 -8.64
N SER C 23 25.82 -1.85 -8.14
CA SER C 23 27.02 -2.02 -8.96
C SER C 23 26.90 -3.19 -9.94
N GLY C 24 25.95 -4.09 -9.72
CA GLY C 24 25.71 -5.17 -10.66
C GLY C 24 24.74 -4.74 -11.76
N THR C 25 25.02 -5.19 -12.98
CA THR C 25 24.12 -4.94 -14.09
C THR C 25 22.81 -5.70 -13.86
N GLN C 26 21.70 -4.97 -13.86
CA GLN C 26 20.38 -5.54 -13.65
C GLN C 26 19.79 -5.99 -14.97
N THR C 27 19.25 -7.20 -15.00
CA THR C 27 18.46 -7.66 -16.13
C THR C 27 17.03 -7.87 -15.62
N VAL C 28 16.10 -7.07 -16.13
CA VAL C 28 14.69 -7.14 -15.73
C VAL C 28 13.91 -7.78 -16.86
N ASN C 29 13.20 -8.86 -16.53
CA ASN C 29 12.34 -9.55 -17.50
C ASN C 29 10.88 -9.37 -17.10
N VAL C 30 10.04 -9.02 -18.07
CA VAL C 30 8.61 -8.85 -17.85
C VAL C 30 7.88 -9.87 -18.70
N LEU C 31 7.15 -10.76 -18.05
CA LEU C 31 6.44 -11.84 -18.73
C LEU C 31 4.95 -11.56 -18.71
N VAL C 32 4.31 -11.77 -19.85
CA VAL C 32 2.86 -11.70 -19.99
C VAL C 32 2.40 -13.06 -20.47
N ASN C 33 1.47 -13.67 -19.71
CA ASN C 33 0.99 -15.03 -19.96
C ASN C 33 2.17 -15.99 -20.13
N ASN C 34 3.11 -15.93 -19.18
CA ASN C 34 4.25 -16.83 -19.11
C ASN C 34 5.19 -16.70 -20.31
N GLU C 35 5.10 -15.60 -21.06
CA GLU C 35 5.95 -15.35 -22.21
C GLU C 35 6.67 -14.03 -22.04
N THR C 36 7.96 -13.99 -22.37
CA THR C 36 8.73 -12.76 -22.26
C THR C 36 8.15 -11.70 -23.18
N ALA C 37 7.70 -10.60 -22.59
CA ALA C 37 7.17 -9.47 -23.36
C ALA C 37 8.12 -8.29 -23.43
N ALA C 38 9.03 -8.15 -22.46
CA ALA C 38 9.97 -7.04 -22.48
C ALA C 38 11.17 -7.43 -21.62
N THR C 39 12.33 -6.85 -21.96
CA THR C 39 13.56 -7.09 -21.22
C THR C 39 14.34 -5.79 -21.13
N PHE C 40 14.67 -5.37 -19.91
CA PHE C 40 15.49 -4.19 -19.67
C PHE C 40 16.81 -4.61 -19.07
N SER C 41 17.87 -3.88 -19.42
CA SER C 41 19.20 -4.18 -18.94
C SER C 41 19.97 -2.87 -18.76
N GLY C 42 20.60 -2.70 -17.61
CA GLY C 42 21.41 -1.51 -17.38
C GLY C 42 22.06 -1.58 -16.01
N GLN C 43 22.94 -0.60 -15.77
CA GLN C 43 23.66 -0.49 -14.52
C GLN C 43 23.66 0.97 -14.07
N SER C 44 23.41 1.18 -12.77
CA SER C 44 23.41 2.51 -12.20
C SER C 44 23.36 2.39 -10.69
N THR C 45 24.04 3.31 -9.99
CA THR C 45 23.89 3.45 -8.55
C THR C 45 23.15 4.73 -8.19
N ASN C 46 22.51 5.37 -9.16
CA ASN C 46 21.82 6.65 -8.96
C ASN C 46 20.42 6.61 -9.54
N ASN C 47 19.74 5.46 -9.44
CA ASN C 47 18.31 5.35 -9.75
C ASN C 47 18.02 5.69 -11.22
N ALA C 48 18.96 5.42 -12.11
CA ALA C 48 18.71 5.67 -13.52
C ALA C 48 17.61 4.75 -14.05
N VAL C 49 16.79 5.30 -14.95
CA VAL C 49 15.79 4.50 -15.64
C VAL C 49 16.52 3.60 -16.64
N ILE C 50 16.53 2.29 -16.39
CA ILE C 50 17.13 1.38 -17.37
C ILE C 50 16.13 0.87 -18.39
N GLY C 51 14.85 1.22 -18.24
CA GLY C 51 13.87 0.85 -19.25
C GLY C 51 12.45 1.26 -18.91
N THR C 52 11.66 1.57 -19.93
CA THR C 52 10.26 1.93 -19.73
C THR C 52 9.50 1.56 -21.00
N GLN C 53 8.29 1.02 -20.84
CA GLN C 53 7.60 0.46 -21.99
C GLN C 53 6.12 0.29 -21.65
N VAL C 54 5.30 0.30 -22.70
CA VAL C 54 3.86 0.02 -22.58
C VAL C 54 3.60 -1.37 -23.14
N LEU C 55 2.96 -2.21 -22.33
CA LEU C 55 2.65 -3.58 -22.69
C LEU C 55 1.14 -3.81 -22.57
N ASN C 56 0.71 -4.97 -23.05
CA ASN C 56 -0.67 -5.41 -23.00
C ASN C 56 -0.76 -6.65 -22.11
N SER C 57 -1.63 -6.59 -21.10
CA SER C 57 -1.76 -7.70 -20.15
C SER C 57 -2.34 -8.97 -20.77
N GLY C 58 -2.89 -8.91 -21.98
CA GLY C 58 -3.31 -10.11 -22.70
C GLY C 58 -4.55 -10.76 -22.08
N SER C 59 -4.92 -11.91 -22.63
CA SER C 59 -6.19 -12.53 -22.25
C SER C 59 -6.17 -12.98 -20.79
N SER C 60 -5.02 -13.40 -20.26
CA SER C 60 -4.98 -13.87 -18.88
C SER C 60 -4.79 -12.74 -17.87
N GLY C 61 -4.21 -11.62 -18.28
CA GLY C 61 -3.85 -10.57 -17.35
C GLY C 61 -2.66 -10.87 -16.46
N LYS C 62 -2.01 -12.02 -16.62
CA LYS C 62 -0.92 -12.40 -15.72
C LYS C 62 0.37 -11.72 -16.15
N VAL C 63 0.91 -10.89 -15.26
CA VAL C 63 2.16 -10.19 -15.51
C VAL C 63 3.16 -10.58 -14.43
N GLN C 64 4.35 -10.99 -14.83
CA GLN C 64 5.37 -11.43 -13.88
C GLN C 64 6.69 -10.72 -14.16
N VAL C 65 7.29 -10.16 -13.11
CA VAL C 65 8.58 -9.49 -13.20
C VAL C 65 9.64 -10.41 -12.62
N GLN C 66 10.72 -10.62 -13.36
CA GLN C 66 11.90 -11.32 -12.90
C GLN C 66 13.11 -10.42 -13.08
N VAL C 67 14.05 -10.50 -12.15
CA VAL C 67 15.28 -9.72 -12.26
C VAL C 67 16.46 -10.63 -11.96
N SER C 68 17.49 -10.52 -12.81
CA SER C 68 18.69 -11.32 -12.71
C SER C 68 19.89 -10.39 -12.61
N VAL C 69 20.87 -10.78 -11.80
CA VAL C 69 22.16 -10.12 -11.73
C VAL C 69 23.22 -11.21 -11.77
N ASN C 70 24.16 -11.09 -12.71
CA ASN C 70 25.18 -12.11 -12.92
C ASN C 70 24.56 -13.50 -13.09
N GLY C 71 23.45 -13.54 -13.83
CA GLY C 71 22.76 -14.78 -14.06
C GLY C 71 22.10 -15.40 -12.84
N ARG C 72 21.98 -14.65 -11.76
CA ARG C 72 21.38 -15.17 -10.54
C ARG C 72 20.08 -14.45 -10.25
N PRO C 73 18.99 -15.18 -9.95
CA PRO C 73 17.72 -14.51 -9.65
C PRO C 73 17.82 -13.71 -8.35
N SER C 74 17.46 -12.43 -8.42
CA SER C 74 17.38 -11.61 -7.23
C SER C 74 16.16 -11.99 -6.39
N ASP C 75 16.28 -11.82 -5.08
CA ASP C 75 15.14 -11.99 -4.19
C ASP C 75 14.21 -10.81 -4.34
N LEU C 76 12.92 -11.08 -4.53
CA LEU C 76 11.94 -10.05 -4.86
C LEU C 76 11.03 -9.73 -3.67
N VAL C 77 10.62 -8.45 -3.59
CA VAL C 77 9.50 -8.04 -2.75
C VAL C 77 8.52 -7.26 -3.62
N SER C 78 7.23 -7.38 -3.32
CA SER C 78 6.23 -6.78 -4.18
C SER C 78 4.93 -6.56 -3.42
N ALA C 79 4.11 -5.66 -3.97
CA ALA C 79 2.74 -5.40 -3.55
C ALA C 79 2.05 -4.61 -4.65
N GLN C 80 0.71 -4.60 -4.60
CA GLN C 80 -0.11 -3.76 -5.44
C GLN C 80 -0.91 -2.79 -4.57
N VAL C 81 -0.98 -1.54 -4.99
CA VAL C 81 -1.68 -0.49 -4.28
C VAL C 81 -2.67 0.16 -5.24
N ILE C 82 -3.89 0.40 -4.75
CA ILE C 82 -4.95 1.00 -5.56
C ILE C 82 -5.40 2.27 -4.86
N LEU C 83 -5.28 3.40 -5.55
CA LEU C 83 -5.74 4.69 -5.03
C LEU C 83 -7.05 5.08 -5.68
N THR C 84 -7.92 5.71 -4.87
CA THR C 84 -9.30 6.08 -5.21
C THR C 84 -9.98 5.05 -6.11
N ASN C 85 -9.79 3.77 -5.79
CA ASN C 85 -10.48 2.63 -6.43
C ASN C 85 -10.28 2.61 -7.94
N GLU C 86 -9.20 3.21 -8.44
CA GLU C 86 -9.07 3.40 -9.88
C GLU C 86 -7.62 3.33 -10.37
N LEU C 87 -6.70 3.99 -9.66
CA LEU C 87 -5.32 4.12 -10.10
C LEU C 87 -4.47 3.03 -9.47
N ASN C 88 -3.79 2.24 -10.30
CA ASN C 88 -3.14 1.01 -9.87
C ASN C 88 -1.62 1.12 -9.98
N PHE C 89 -0.93 0.74 -8.90
CA PHE C 89 0.52 0.55 -8.90
C PHE C 89 0.84 -0.88 -8.52
N ALA C 90 1.64 -1.55 -9.35
CA ALA C 90 2.26 -2.83 -8.99
C ALA C 90 3.74 -2.57 -8.80
N LEU C 91 4.24 -2.84 -7.60
CA LEU C 91 5.56 -2.41 -7.16
C LEU C 91 6.46 -3.62 -6.88
N VAL C 92 7.71 -3.55 -7.35
CA VAL C 92 8.69 -4.63 -7.18
C VAL C 92 10.02 -4.03 -6.73
N GLY C 93 10.57 -4.58 -5.66
CA GLY C 93 11.97 -4.35 -5.31
C GLY C 93 12.76 -5.64 -5.37
N SER C 94 14.08 -5.56 -5.44
CA SER C 94 14.89 -6.75 -5.60
C SER C 94 16.24 -6.57 -4.92
N GLU C 95 16.77 -7.66 -4.38
CA GLU C 95 18.06 -7.69 -3.72
C GLU C 95 18.97 -8.67 -4.44
N ASP C 96 20.14 -8.20 -4.87
CA ASP C 96 21.09 -9.05 -5.58
C ASP C 96 22.28 -9.44 -4.74
N GLY C 97 22.32 -9.08 -3.45
CA GLY C 97 23.50 -9.25 -2.63
C GLY C 97 23.18 -9.44 -1.17
N THR C 98 23.98 -8.80 -0.30
CA THR C 98 23.93 -9.06 1.14
C THR C 98 23.50 -7.87 1.98
N ASP C 99 23.35 -6.68 1.41
CA ASP C 99 23.04 -5.52 2.23
C ASP C 99 21.55 -5.32 2.46
N ASN C 100 20.70 -6.01 1.70
CA ASN C 100 19.26 -6.03 1.93
C ASN C 100 18.65 -4.63 1.86
N ASP C 101 19.13 -3.78 0.94
CA ASP C 101 18.41 -2.55 0.68
C ASP C 101 17.24 -2.76 -0.30
N TYR C 102 17.24 -3.86 -1.05
CA TYR C 102 16.13 -4.27 -1.92
C TYR C 102 15.76 -3.22 -2.97
N ASN C 103 16.73 -2.41 -3.38
CA ASN C 103 16.49 -1.40 -4.40
C ASN C 103 17.32 -1.64 -5.65
N ASP C 104 18.00 -2.79 -5.74
CA ASP C 104 19.01 -2.98 -6.78
C ASP C 104 18.39 -2.86 -8.16
N ALA C 105 17.20 -3.43 -8.34
CA ALA C 105 16.33 -3.07 -9.44
C ALA C 105 14.95 -2.81 -8.85
N VAL C 106 14.42 -1.61 -9.07
CA VAL C 106 13.07 -1.24 -8.66
C VAL C 106 12.21 -1.17 -9.92
N VAL C 107 11.04 -1.82 -9.89
CA VAL C 107 10.16 -1.89 -11.05
C VAL C 107 8.79 -1.34 -10.64
N VAL C 108 8.27 -0.42 -11.43
CA VAL C 108 6.96 0.18 -11.21
C VAL C 108 6.07 -0.11 -12.41
N ILE C 109 4.96 -0.78 -12.17
CA ILE C 109 3.91 -1.03 -13.17
C ILE C 109 2.71 -0.18 -12.79
N ASN C 110 2.17 0.57 -13.77
CA ASN C 110 1.03 1.43 -13.51
C ASN C 110 -0.01 1.32 -14.62
N TRP C 111 -1.29 1.33 -14.22
CA TRP C 111 -2.43 1.40 -15.11
C TRP C 111 -3.58 2.06 -14.37
N PRO C 112 -4.59 2.58 -15.09
CA PRO C 112 -4.68 2.64 -16.56
C PRO C 112 -3.79 3.73 -17.14
N LEU C 113 -3.60 3.67 -18.46
CA LEU C 113 -2.87 4.68 -19.21
C LEU C 113 -3.87 5.56 -19.96
N GLY C 114 -3.33 6.57 -20.65
CA GLY C 114 -4.15 7.39 -21.53
C GLY C 114 -4.91 8.52 -20.85
N ALA E 1 12.86 -12.27 1.43
CA ALA E 1 13.05 -11.11 2.30
C ALA E 1 12.33 -11.28 3.61
N THR E 2 12.90 -10.69 4.67
CA THR E 2 12.25 -10.70 5.97
C THR E 2 10.87 -10.07 5.89
N GLN E 3 9.89 -10.69 6.55
CA GLN E 3 8.52 -10.22 6.56
C GLN E 3 8.01 -10.19 7.99
N GLY E 4 7.00 -9.35 8.23
CA GLY E 4 6.41 -9.22 9.55
C GLY E 4 7.19 -8.38 10.55
N VAL E 5 8.20 -7.63 10.10
CA VAL E 5 9.00 -6.77 10.97
C VAL E 5 8.77 -5.32 10.57
N PHE E 6 8.43 -4.48 11.56
CA PHE E 6 8.09 -3.09 11.31
C PHE E 6 8.78 -2.19 12.32
N THR E 7 9.31 -1.06 11.84
CA THR E 7 9.91 -0.04 12.70
C THR E 7 8.88 1.07 12.90
N LEU E 8 8.29 1.09 14.08
CA LEU E 8 7.37 2.14 14.49
C LEU E 8 8.16 3.28 15.11
N PRO E 9 7.56 4.47 15.22
CA PRO E 9 8.17 5.51 16.05
C PRO E 9 8.20 5.04 17.50
N ALA E 10 9.18 5.53 18.25
CA ALA E 10 9.40 5.11 19.63
C ALA E 10 8.30 5.60 20.57
N ASN E 11 8.11 4.88 21.68
CA ASN E 11 7.06 5.10 22.67
C ASN E 11 5.78 5.63 22.07
N THR E 12 5.22 4.88 21.13
CA THR E 12 3.94 5.20 20.54
C THR E 12 3.01 4.03 20.80
N ARG E 13 1.83 4.33 21.35
CA ARG E 13 0.80 3.31 21.48
C ARG E 13 0.34 2.88 20.08
N PHE E 14 0.06 1.59 19.94
CA PHE E 14 -0.41 1.05 18.68
C PHE E 14 -1.35 -0.12 18.95
N GLY E 15 -2.27 -0.33 18.03
CA GLY E 15 -3.21 -1.43 18.11
C GLY E 15 -2.69 -2.62 17.29
N VAL E 16 -2.94 -3.81 17.79
CA VAL E 16 -2.65 -5.04 17.05
C VAL E 16 -3.86 -5.96 17.16
N THR E 17 -4.32 -6.47 16.02
CA THR E 17 -5.54 -7.26 15.95
C THR E 17 -5.31 -8.41 14.99
N ALA E 18 -5.71 -9.61 15.39
CA ALA E 18 -5.52 -10.81 14.56
C ALA E 18 -6.87 -11.47 14.25
N PHE E 19 -7.01 -11.89 12.98
CA PHE E 19 -8.15 -12.66 12.48
C PHE E 19 -7.66 -14.02 12.01
N ALA E 20 -8.53 -15.03 12.11
CA ALA E 20 -8.20 -16.39 11.69
C ALA E 20 -9.12 -16.82 10.54
N ASN E 21 -8.52 -17.50 9.56
CA ASN E 21 -9.26 -18.07 8.41
C ASN E 21 -8.59 -19.40 8.05
N SER E 22 -8.73 -20.40 8.92
CA SER E 22 -8.02 -21.66 8.73
C SER E 22 -8.63 -22.75 9.61
N SER E 23 -8.51 -24.00 9.15
CA SER E 23 -8.89 -25.13 9.99
C SER E 23 -7.86 -25.43 11.06
N GLY E 24 -6.65 -24.91 10.93
CA GLY E 24 -5.63 -25.05 11.95
C GLY E 24 -5.71 -23.93 12.96
N THR E 25 -5.49 -24.28 14.23
CA THR E 25 -5.44 -23.29 15.30
C THR E 25 -4.22 -22.39 15.12
N GLN E 26 -4.46 -21.09 15.16
CA GLN E 26 -3.41 -20.09 14.92
C GLN E 26 -2.86 -19.55 16.23
N THR E 27 -1.54 -19.43 16.30
CA THR E 27 -0.87 -18.72 17.40
C THR E 27 -0.14 -17.53 16.82
N VAL E 28 -0.52 -16.33 17.24
CA VAL E 28 0.08 -15.08 16.80
C VAL E 28 0.90 -14.51 17.96
N ASN E 29 2.17 -14.21 17.69
CA ASN E 29 3.08 -13.63 18.68
C ASN E 29 3.49 -12.24 18.22
N VAL E 30 3.38 -11.25 19.11
CA VAL E 30 3.79 -9.88 18.82
C VAL E 30 4.97 -9.55 19.71
N LEU E 31 6.12 -9.31 19.09
CA LEU E 31 7.36 -9.01 19.81
C LEU E 31 7.65 -7.52 19.74
N VAL E 32 7.95 -6.92 20.90
CA VAL E 32 8.36 -5.52 20.97
C VAL E 32 9.77 -5.49 21.53
N ASN E 33 10.69 -4.90 20.76
CA ASN E 33 12.11 -4.91 21.08
C ASN E 33 12.59 -6.33 21.40
N ASN E 34 12.16 -7.27 20.56
CA ASN E 34 12.59 -8.67 20.60
C ASN E 34 12.11 -9.40 21.83
N GLU E 35 11.10 -8.88 22.53
CA GLU E 35 10.48 -9.56 23.66
C GLU E 35 8.99 -9.75 23.38
N THR E 36 8.48 -10.94 23.70
CA THR E 36 7.07 -11.25 23.50
C THR E 36 6.19 -10.29 24.30
N ALA E 37 5.44 -9.44 23.61
CA ALA E 37 4.57 -8.48 24.26
C ALA E 37 3.10 -8.90 24.25
N ALA E 38 2.69 -9.75 23.30
CA ALA E 38 1.31 -10.19 23.21
C ALA E 38 1.28 -11.52 22.48
N THR E 39 0.26 -12.32 22.80
CA THR E 39 0.07 -13.65 22.21
C THR E 39 -1.41 -13.90 22.06
N PHE E 40 -1.86 -14.18 20.84
CA PHE E 40 -3.23 -14.54 20.57
C PHE E 40 -3.30 -15.99 20.07
N SER E 41 -4.38 -16.67 20.40
CA SER E 41 -4.63 -18.03 19.93
C SER E 41 -6.11 -18.22 19.64
N GLY E 42 -6.40 -19.00 18.60
CA GLY E 42 -7.77 -19.27 18.25
C GLY E 42 -7.86 -19.96 16.91
N GLN E 43 -9.03 -20.55 16.67
CA GLN E 43 -9.33 -21.21 15.42
C GLN E 43 -10.64 -20.67 14.87
N SER E 44 -10.66 -20.38 13.57
CA SER E 44 -11.84 -19.90 12.88
C SER E 44 -11.61 -20.00 11.38
N THR E 45 -12.66 -20.33 10.62
CA THR E 45 -12.66 -20.19 9.17
C THR E 45 -13.54 -19.05 8.71
N ASN E 46 -13.93 -18.16 9.62
CA ASN E 46 -14.88 -17.09 9.30
C ASN E 46 -14.39 -15.74 9.77
N ASN E 47 -13.07 -15.52 9.80
CA ASN E 47 -12.47 -14.21 10.05
C ASN E 47 -12.71 -13.71 11.48
N ALA E 48 -12.92 -14.63 12.43
CA ALA E 48 -13.12 -14.22 13.81
C ALA E 48 -11.88 -13.52 14.36
N VAL E 49 -12.12 -12.52 15.21
CA VAL E 49 -11.02 -11.83 15.89
C VAL E 49 -10.53 -12.75 17.01
N ILE E 50 -9.29 -13.25 16.87
CA ILE E 50 -8.73 -14.12 17.91
C ILE E 50 -7.95 -13.33 18.96
N GLY E 51 -7.81 -12.02 18.79
CA GLY E 51 -7.17 -11.17 19.76
C GLY E 51 -7.07 -9.74 19.27
N THR E 52 -7.11 -8.79 20.21
CA THR E 52 -6.87 -7.39 19.92
C THR E 52 -6.29 -6.76 21.18
N GLN E 53 -5.28 -5.92 21.02
CA GLN E 53 -4.61 -5.34 22.18
C GLN E 53 -3.96 -4.03 21.79
N VAL E 54 -3.76 -3.18 22.80
CA VAL E 54 -3.00 -1.93 22.66
C VAL E 54 -1.62 -2.15 23.28
N LEU E 55 -0.58 -1.90 22.49
CA LEU E 55 0.79 -2.06 22.95
C LEU E 55 1.56 -0.76 22.78
N ASN E 56 2.71 -0.67 23.43
CA ASN E 56 3.63 0.46 23.28
C ASN E 56 4.86 -0.01 22.52
N SER E 57 5.27 0.78 21.51
CA SER E 57 6.38 0.39 20.65
C SER E 57 7.73 0.38 21.34
N GLY E 58 7.85 0.93 22.55
CA GLY E 58 9.11 0.89 23.26
C GLY E 58 10.19 1.83 22.70
N SER E 59 11.38 1.73 23.32
CA SER E 59 12.50 2.60 22.97
C SER E 59 13.00 2.35 21.55
N SER E 60 12.91 1.11 21.06
CA SER E 60 13.44 0.77 19.75
C SER E 60 12.43 0.94 18.63
N GLY E 61 11.14 0.90 18.93
CA GLY E 61 10.10 0.91 17.92
C GLY E 61 10.00 -0.35 17.09
N LYS E 62 10.81 -1.38 17.37
CA LYS E 62 10.79 -2.60 16.58
C LYS E 62 9.64 -3.50 17.04
N VAL E 63 8.71 -3.77 16.13
CA VAL E 63 7.62 -4.70 16.39
C VAL E 63 7.70 -5.83 15.37
N GLN E 64 7.62 -7.07 15.85
CA GLN E 64 7.67 -8.24 14.99
C GLN E 64 6.48 -9.13 15.23
N VAL E 65 5.88 -9.61 14.15
CA VAL E 65 4.74 -10.53 14.21
C VAL E 65 5.23 -11.91 13.80
N GLN E 66 4.89 -12.92 14.60
CA GLN E 66 5.17 -14.31 14.29
C GLN E 66 3.88 -15.09 14.38
N VAL E 67 3.70 -16.04 13.44
CA VAL E 67 2.53 -16.90 13.39
C VAL E 67 3.00 -18.33 13.30
N SER E 68 2.40 -19.20 14.12
CA SER E 68 2.71 -20.62 14.01
C SER E 68 1.41 -21.44 14.10
N VAL E 69 1.41 -22.56 13.40
CA VAL E 69 0.32 -23.51 13.44
C VAL E 69 0.94 -24.88 13.63
N ASN E 70 0.43 -25.64 14.61
CA ASN E 70 0.99 -26.93 14.97
C ASN E 70 2.49 -26.85 15.19
N GLY E 71 2.93 -25.78 15.85
CA GLY E 71 4.33 -25.60 16.15
C GLY E 71 5.24 -25.37 14.97
N ARG E 72 4.69 -25.06 13.81
CA ARG E 72 5.50 -24.77 12.64
C ARG E 72 5.27 -23.33 12.22
N PRO E 73 6.31 -22.55 11.92
CA PRO E 73 6.09 -21.16 11.48
C PRO E 73 5.39 -21.12 10.14
N SER E 74 4.33 -20.32 10.07
CA SER E 74 3.70 -20.03 8.78
C SER E 74 4.58 -19.08 7.96
N ASP E 75 4.45 -19.17 6.64
CA ASP E 75 5.11 -18.24 5.74
C ASP E 75 4.37 -16.90 5.76
N LEU E 76 5.13 -15.81 5.85
CA LEU E 76 4.56 -14.48 6.09
C LEU E 76 4.71 -13.57 4.89
N VAL E 77 3.72 -12.70 4.70
CA VAL E 77 3.79 -11.57 3.78
C VAL E 77 3.37 -10.33 4.55
N SER E 78 3.97 -9.20 4.20
CA SER E 78 3.71 -8.00 4.98
C SER E 78 4.01 -6.75 4.17
N ALA E 79 3.39 -5.65 4.59
CA ALA E 79 3.68 -4.32 4.06
C ALA E 79 3.18 -3.28 5.05
N GLN E 80 3.74 -2.08 4.96
CA GLN E 80 3.27 -0.93 5.72
C GLN E 80 2.71 0.09 4.75
N VAL E 81 1.58 0.70 5.12
CA VAL E 81 0.92 1.69 4.27
C VAL E 81 0.66 2.93 5.11
N ILE E 82 0.95 4.11 4.54
CA ILE E 82 0.74 5.37 5.23
C ILE E 82 -0.20 6.23 4.42
N LEU E 83 -1.30 6.65 5.04
CA LEU E 83 -2.29 7.49 4.41
C LEU E 83 -2.19 8.91 4.95
N THR E 84 -2.43 9.90 4.09
CA THR E 84 -2.24 11.32 4.35
C THR E 84 -1.05 11.58 5.27
N ASN E 85 0.06 10.85 5.03
CA ASN E 85 1.33 11.08 5.73
C ASN E 85 1.19 10.98 7.25
N GLU E 86 0.21 10.22 7.75
CA GLU E 86 -0.08 10.27 9.18
C GLU E 86 -0.65 8.95 9.71
N LEU E 87 -1.59 8.34 8.98
CA LEU E 87 -2.26 7.14 9.44
C LEU E 87 -1.51 5.92 8.93
N ASN E 88 -1.09 5.07 9.87
CA ASN E 88 -0.21 3.95 9.56
C ASN E 88 -0.91 2.62 9.75
N PHE E 89 -0.77 1.74 8.75
CA PHE E 89 -1.15 0.34 8.85
C PHE E 89 0.08 -0.53 8.59
N ALA E 90 0.32 -1.48 9.48
CA ALA E 90 1.31 -2.54 9.24
C ALA E 90 0.53 -3.83 9.10
N LEU E 91 0.61 -4.47 7.93
CA LEU E 91 -0.27 -5.57 7.56
C LEU E 91 0.53 -6.86 7.43
N VAL E 92 -0.02 -7.96 7.95
CA VAL E 92 0.61 -9.27 7.84
C VAL E 92 -0.41 -10.31 7.37
N GLY E 93 -0.05 -11.07 6.34
CA GLY E 93 -0.75 -12.30 6.02
C GLY E 93 0.12 -13.50 6.33
N SER E 94 -0.49 -14.67 6.47
CA SER E 94 0.29 -15.87 6.77
C SER E 94 -0.36 -17.07 6.10
N GLU E 95 0.49 -18.01 5.67
CA GLU E 95 0.06 -19.23 5.01
C GLU E 95 0.56 -20.42 5.83
N ASP E 96 -0.37 -21.26 6.30
CA ASP E 96 -0.02 -22.43 7.08
C ASP E 96 -0.08 -23.71 6.27
N GLY E 97 -0.52 -23.64 5.02
CA GLY E 97 -0.72 -24.84 4.22
C GLY E 97 -0.22 -24.73 2.80
N THR E 98 -1.03 -25.21 1.84
CA THR E 98 -0.60 -25.28 0.44
C THR E 98 -1.51 -24.54 -0.53
N ASP E 99 -2.65 -24.00 -0.08
CA ASP E 99 -3.55 -23.30 -1.00
C ASP E 99 -3.14 -21.86 -1.25
N ASN E 100 -2.24 -21.30 -0.44
CA ASN E 100 -1.65 -19.99 -0.70
C ASN E 100 -2.70 -18.88 -0.72
N ASP E 101 -3.69 -18.96 0.18
CA ASP E 101 -4.59 -17.81 0.32
C ASP E 101 -4.05 -16.77 1.31
N TYR E 102 -3.07 -17.15 2.13
CA TYR E 102 -2.32 -16.22 2.98
C TYR E 102 -3.21 -15.43 3.92
N ASN E 103 -4.38 -15.98 4.26
CA ASN E 103 -5.31 -15.34 5.19
C ASN E 103 -5.46 -16.14 6.48
N ASP E 104 -4.59 -17.13 6.71
CA ASP E 104 -4.84 -18.10 7.77
C ASP E 104 -4.83 -17.43 9.14
N ALA E 105 -3.83 -16.60 9.39
CA ALA E 105 -3.90 -15.55 10.39
C ALA E 105 -3.63 -14.23 9.66
N VAL E 106 -4.53 -13.28 9.83
CA VAL E 106 -4.35 -11.92 9.31
C VAL E 106 -4.14 -10.99 10.50
N VAL E 107 -3.10 -10.17 10.44
CA VAL E 107 -2.73 -9.29 11.55
C VAL E 107 -2.64 -7.86 11.04
N VAL E 108 -3.35 -6.96 11.73
CA VAL E 108 -3.36 -5.54 11.40
C VAL E 108 -2.81 -4.77 12.59
N ILE E 109 -1.78 -3.98 12.35
CA ILE E 109 -1.24 -3.04 13.31
C ILE E 109 -1.58 -1.63 12.82
N ASN E 110 -2.17 -0.81 13.70
CA ASN E 110 -2.52 0.55 13.33
C ASN E 110 -2.03 1.53 14.39
N TRP E 111 -1.63 2.71 13.93
CA TRP E 111 -1.24 3.82 14.78
C TRP E 111 -1.31 5.10 13.95
N PRO E 112 -1.39 6.28 14.60
CA PRO E 112 -1.47 6.50 16.05
C PRO E 112 -2.85 6.16 16.59
N LEU E 113 -2.96 6.11 17.92
CA LEU E 113 -4.23 5.92 18.62
C LEU E 113 -4.64 7.24 19.27
N GLY E 114 -5.76 7.20 19.99
CA GLY E 114 -6.22 8.35 20.75
C GLY E 114 -7.00 9.37 19.93
N ALA G 1 -10.53 13.53 -4.27
CA ALA G 1 -11.04 12.31 -4.89
C ALA G 1 -12.01 11.58 -3.98
N THR G 2 -12.88 10.79 -4.59
CA THR G 2 -13.76 9.91 -3.83
C THR G 2 -12.93 8.97 -2.98
N GLN G 3 -13.33 8.80 -1.73
CA GLN G 3 -12.64 7.92 -0.81
C GLN G 3 -13.64 6.98 -0.14
N GLY G 4 -13.13 5.83 0.31
CA GLY G 4 -13.95 4.87 1.01
C GLY G 4 -14.77 3.95 0.14
N VAL G 5 -14.58 3.97 -1.19
CA VAL G 5 -15.31 3.13 -2.13
C VAL G 5 -14.37 2.09 -2.72
N PHE G 6 -14.81 0.84 -2.75
CA PHE G 6 -13.97 -0.27 -3.20
C PHE G 6 -14.76 -1.23 -4.08
N THR G 7 -14.14 -1.68 -5.17
CA THR G 7 -14.72 -2.72 -6.01
C THR G 7 -14.12 -4.06 -5.60
N LEU G 8 -14.90 -4.87 -4.94
CA LEU G 8 -14.52 -6.24 -4.59
C LEU G 8 -14.95 -7.17 -5.70
N PRO G 9 -14.41 -8.38 -5.77
CA PRO G 9 -15.01 -9.39 -6.63
C PRO G 9 -16.45 -9.60 -6.20
N ALA G 10 -17.33 -9.77 -7.18
CA ALA G 10 -18.76 -9.90 -6.92
C ALA G 10 -19.03 -11.14 -6.06
N ASN G 11 -20.11 -11.07 -5.30
CA ASN G 11 -20.67 -12.24 -4.62
C ASN G 11 -19.63 -12.94 -3.74
N THR G 12 -18.79 -12.14 -3.08
CA THR G 12 -17.68 -12.66 -2.31
C THR G 12 -17.80 -12.23 -0.84
N ARG G 13 -17.55 -13.17 0.07
CA ARG G 13 -17.54 -12.85 1.49
C ARG G 13 -16.29 -12.06 1.84
N PHE G 14 -16.47 -11.06 2.70
CA PHE G 14 -15.37 -10.24 3.19
C PHE G 14 -15.65 -9.86 4.64
N GLY G 15 -14.57 -9.58 5.38
CA GLY G 15 -14.67 -9.09 6.74
C GLY G 15 -14.56 -7.57 6.75
N VAL G 16 -15.33 -6.95 7.63
CA VAL G 16 -15.23 -5.52 7.89
C VAL G 16 -15.15 -5.31 9.40
N THR G 17 -14.17 -4.51 9.84
CA THR G 17 -13.91 -4.28 11.24
C THR G 17 -13.58 -2.81 11.45
N ALA G 18 -14.20 -2.19 12.45
CA ALA G 18 -14.01 -0.78 12.76
C ALA G 18 -13.42 -0.58 14.15
N PHE G 19 -12.47 0.34 14.26
CA PHE G 19 -11.84 0.76 15.50
C PHE G 19 -12.10 2.26 15.71
N ALA G 20 -12.21 2.68 16.97
CA ALA G 20 -12.49 4.07 17.30
C ALA G 20 -11.35 4.69 18.09
N ASN G 21 -11.03 5.95 17.79
CA ASN G 21 -9.97 6.75 18.46
C ASN G 21 -10.43 8.21 18.48
N SER G 22 -11.38 8.53 19.35
CA SER G 22 -11.98 9.85 19.35
C SER G 22 -12.90 9.98 20.55
N SER G 23 -13.06 11.22 21.04
CA SER G 23 -14.04 11.51 22.07
C SER G 23 -15.45 11.60 21.53
N GLY G 24 -15.61 11.66 20.21
CA GLY G 24 -16.93 11.65 19.60
C GLY G 24 -17.35 10.23 19.26
N THR G 25 -18.63 9.94 19.46
CA THR G 25 -19.17 8.65 19.09
C THR G 25 -19.09 8.45 17.59
N GLN G 26 -18.50 7.35 17.17
CA GLN G 26 -18.37 7.03 15.76
C GLN G 26 -19.54 6.17 15.29
N THR G 27 -20.07 6.52 14.12
CA THR G 27 -21.05 5.69 13.44
C THR G 27 -20.50 5.33 12.07
N VAL G 28 -20.25 4.03 11.86
CA VAL G 28 -19.68 3.51 10.62
C VAL G 28 -20.78 2.76 9.88
N ASN G 29 -21.04 3.17 8.65
CA ASN G 29 -22.01 2.51 7.77
C ASN G 29 -21.28 1.84 6.62
N VAL G 30 -21.58 0.57 6.40
CA VAL G 30 -21.01 -0.20 5.30
C VAL G 30 -22.14 -0.48 4.32
N LEU G 31 -22.01 0.07 3.11
CA LEU G 31 -22.99 -0.11 2.06
C LEU G 31 -22.49 -1.15 1.06
N VAL G 32 -23.40 -2.00 0.61
CA VAL G 32 -23.17 -2.96 -0.46
C VAL G 32 -24.24 -2.73 -1.51
N ASN G 33 -23.83 -2.42 -2.74
CA ASN G 33 -24.74 -2.04 -3.82
C ASN G 33 -25.65 -0.89 -3.39
N ASN G 34 -25.03 0.15 -2.83
CA ASN G 34 -25.68 1.41 -2.45
C ASN G 34 -26.73 1.23 -1.36
N GLU G 35 -26.71 0.11 -0.64
CA GLU G 35 -27.63 -0.14 0.45
C GLU G 35 -26.86 -0.50 1.71
N THR G 36 -27.31 0.03 2.85
CA THR G 36 -26.65 -0.26 4.11
C THR G 36 -26.73 -1.74 4.43
N ALA G 37 -25.57 -2.38 4.58
CA ALA G 37 -25.48 -3.78 4.95
C ALA G 37 -25.03 -3.99 6.40
N ALA G 38 -24.40 -2.99 7.02
CA ALA G 38 -23.98 -3.09 8.40
C ALA G 38 -23.73 -1.69 8.92
N THR G 39 -23.91 -1.53 10.24
CA THR G 39 -23.72 -0.27 10.94
C THR G 39 -23.04 -0.55 12.27
N PHE G 40 -21.91 0.10 12.52
CA PHE G 40 -21.21 0.01 13.80
C PHE G 40 -21.25 1.35 14.50
N SER G 41 -21.43 1.32 15.82
CA SER G 41 -21.53 2.53 16.62
C SER G 41 -20.79 2.32 17.93
N GLY G 42 -19.99 3.30 18.32
CA GLY G 42 -19.29 3.23 19.59
C GLY G 42 -18.34 4.40 19.76
N GLN G 43 -17.81 4.52 20.98
CA GLN G 43 -16.85 5.56 21.34
C GLN G 43 -15.68 4.93 22.07
N SER G 44 -14.47 5.33 21.69
CA SER G 44 -13.25 4.89 22.35
C SER G 44 -12.11 5.80 21.94
N THR G 45 -11.20 6.08 22.88
CA THR G 45 -9.93 6.72 22.57
C THR G 45 -8.77 5.73 22.68
N ASN G 46 -9.07 4.43 22.73
CA ASN G 46 -8.05 3.40 22.91
C ASN G 46 -8.24 2.27 21.91
N ASN G 47 -8.69 2.59 20.70
CA ASN G 47 -8.69 1.65 19.56
C ASN G 47 -9.65 0.48 19.76
N ALA G 48 -10.72 0.66 20.55
CA ALA G 48 -11.65 -0.44 20.77
C ALA G 48 -12.33 -0.85 19.46
N VAL G 49 -12.52 -2.16 19.30
CA VAL G 49 -13.28 -2.68 18.18
C VAL G 49 -14.75 -2.33 18.41
N ILE G 50 -15.28 -1.38 17.61
CA ILE G 50 -16.70 -1.04 17.77
C ILE G 50 -17.59 -1.93 16.92
N GLY G 51 -17.03 -2.73 16.01
CA GLY G 51 -17.81 -3.66 15.24
C GLY G 51 -16.96 -4.56 14.37
N THR G 52 -17.39 -5.81 14.18
CA THR G 52 -16.75 -6.69 13.21
C THR G 52 -17.81 -7.63 12.65
N GLN G 53 -17.75 -7.87 11.35
CA GLN G 53 -18.81 -8.61 10.69
C GLN G 53 -18.27 -9.22 9.40
N VAL G 54 -18.95 -10.27 8.93
CA VAL G 54 -18.72 -10.85 7.61
C VAL G 54 -19.90 -10.47 6.73
N LEU G 55 -19.60 -9.92 5.54
CA LEU G 55 -20.61 -9.46 4.61
C LEU G 55 -20.34 -10.08 3.24
N ASN G 56 -21.33 -9.96 2.35
CA ASN G 56 -21.22 -10.42 0.97
C ASN G 56 -21.20 -9.22 0.04
N SER G 57 -20.25 -9.20 -0.90
CA SER G 57 -20.10 -8.06 -1.79
C SER G 57 -21.22 -7.95 -2.82
N GLY G 58 -22.12 -8.93 -2.91
CA GLY G 58 -23.27 -8.81 -3.79
C GLY G 58 -22.91 -8.84 -5.28
N SER G 59 -23.94 -8.61 -6.09
CA SER G 59 -23.83 -8.78 -7.53
C SER G 59 -22.95 -7.73 -8.18
N SER G 60 -22.80 -6.55 -7.55
CA SER G 60 -21.98 -5.48 -8.11
C SER G 60 -20.56 -5.47 -7.57
N GLY G 61 -20.34 -6.03 -6.39
CA GLY G 61 -19.04 -5.93 -5.74
C GLY G 61 -18.70 -4.56 -5.18
N LYS G 62 -19.60 -3.58 -5.29
CA LYS G 62 -19.30 -2.23 -4.81
C LYS G 62 -19.54 -2.13 -3.31
N VAL G 63 -18.49 -1.84 -2.57
CA VAL G 63 -18.55 -1.67 -1.12
C VAL G 63 -18.10 -0.25 -0.78
N GLN G 64 -18.91 0.44 0.02
CA GLN G 64 -18.61 1.81 0.43
C GLN G 64 -18.68 1.94 1.94
N VAL G 65 -17.71 2.65 2.50
CA VAL G 65 -17.63 2.93 3.93
C VAL G 65 -17.92 4.41 4.13
N GLN G 66 -18.88 4.72 5.00
CA GLN G 66 -19.19 6.08 5.41
C GLN G 66 -19.10 6.18 6.91
N VAL G 67 -18.60 7.31 7.40
CA VAL G 67 -18.41 7.55 8.83
C VAL G 67 -19.01 8.89 9.17
N SER G 68 -19.86 8.92 10.20
CA SER G 68 -20.42 10.17 10.69
C SER G 68 -20.16 10.32 12.18
N VAL G 69 -19.90 11.55 12.60
CA VAL G 69 -19.78 11.89 14.00
C VAL G 69 -20.65 13.13 14.23
N ASN G 70 -21.53 13.05 15.22
CA ASN G 70 -22.53 14.10 15.49
C ASN G 70 -23.34 14.42 14.24
N GLY G 71 -23.69 13.38 13.48
CA GLY G 71 -24.46 13.57 12.27
C GLY G 71 -23.74 14.23 11.12
N ARG G 72 -22.48 14.56 11.28
CA ARG G 72 -21.67 15.18 10.24
C ARG G 72 -20.73 14.16 9.62
N PRO G 73 -20.60 14.09 8.30
CA PRO G 73 -19.69 13.11 7.70
C PRO G 73 -18.24 13.45 7.97
N SER G 74 -17.48 12.46 8.39
CA SER G 74 -16.05 12.63 8.58
C SER G 74 -15.32 12.64 7.24
N ASP G 75 -14.20 13.35 7.20
CA ASP G 75 -13.34 13.31 6.03
C ASP G 75 -12.61 11.97 5.97
N LEU G 76 -12.62 11.33 4.80
CA LEU G 76 -12.14 9.97 4.63
C LEU G 76 -10.83 9.93 3.84
N VAL G 77 -9.96 8.99 4.21
CA VAL G 77 -8.81 8.61 3.38
C VAL G 77 -8.84 7.09 3.24
N SER G 78 -8.37 6.60 2.09
CA SER G 78 -8.53 5.18 1.81
C SER G 78 -7.53 4.73 0.76
N ALA G 79 -7.24 3.43 0.79
CA ALA G 79 -6.48 2.77 -0.25
C ALA G 79 -6.76 1.27 -0.16
N GLN G 80 -6.41 0.56 -1.23
CA GLN G 80 -6.44 -0.89 -1.23
C GLN G 80 -5.03 -1.41 -1.47
N VAL G 81 -4.67 -2.47 -0.75
CA VAL G 81 -3.36 -3.10 -0.87
C VAL G 81 -3.56 -4.58 -1.07
N ILE G 82 -2.81 -5.16 -2.00
CA ILE G 82 -2.85 -6.60 -2.27
C ILE G 82 -1.47 -7.18 -2.04
N LEU G 83 -1.40 -8.20 -1.20
CA LEU G 83 -0.16 -8.91 -0.90
C LEU G 83 -0.14 -10.26 -1.61
N THR G 84 1.04 -10.61 -2.13
CA THR G 84 1.31 -11.79 -2.94
C THR G 84 0.16 -12.12 -3.90
N ASN G 85 -0.41 -11.07 -4.50
CA ASN G 85 -1.41 -11.17 -5.56
C ASN G 85 -2.65 -11.94 -5.13
N GLU G 86 -2.92 -11.98 -3.82
CA GLU G 86 -3.99 -12.85 -3.32
C GLU G 86 -4.73 -12.24 -2.12
N LEU G 87 -3.99 -11.67 -1.16
CA LEU G 87 -4.56 -11.19 0.09
C LEU G 87 -4.88 -9.69 0.00
N ASN G 88 -6.13 -9.33 0.27
CA ASN G 88 -6.67 -8.00 -0.01
C ASN G 88 -7.03 -7.26 1.27
N PHE G 89 -6.54 -6.03 1.39
CA PHE G 89 -6.95 -5.10 2.43
C PHE G 89 -7.54 -3.85 1.77
N ALA G 90 -8.74 -3.46 2.18
CA ALA G 90 -9.27 -2.14 1.87
C ALA G 90 -9.33 -1.33 3.16
N LEU G 91 -8.59 -0.22 3.20
CA LEU G 91 -8.29 0.50 4.42
C LEU G 91 -8.93 1.88 4.41
N VAL G 92 -9.57 2.26 5.51
CA VAL G 92 -10.22 3.56 5.63
C VAL G 92 -9.76 4.24 6.91
N GLY G 93 -9.36 5.51 6.80
CA GLY G 93 -9.23 6.38 7.95
C GLY G 93 -10.22 7.53 7.87
N SER G 94 -10.48 8.19 9.00
CA SER G 94 -11.47 9.24 9.01
C SER G 94 -11.11 10.30 10.04
N GLU G 95 -11.52 11.54 9.77
CA GLU G 95 -11.26 12.67 10.65
C GLU G 95 -12.57 13.36 10.96
N ASP G 96 -12.90 13.48 12.25
CA ASP G 96 -14.11 14.15 12.70
C ASP G 96 -13.83 15.54 13.27
N GLY G 97 -12.56 15.95 13.34
CA GLY G 97 -12.22 17.20 13.99
C GLY G 97 -11.18 18.01 13.25
N THR G 98 -10.29 18.66 14.01
CA THR G 98 -9.30 19.57 13.46
C THR G 98 -7.86 19.10 13.61
N ASP G 99 -7.61 18.07 14.42
CA ASP G 99 -6.23 17.66 14.69
C ASP G 99 -5.64 16.81 13.57
N ASN G 100 -6.46 16.28 12.67
CA ASN G 100 -5.99 15.57 11.48
C ASN G 100 -5.14 14.35 11.81
N ASP G 101 -5.54 13.59 12.84
CA ASP G 101 -4.88 12.31 13.05
C ASP G 101 -5.53 11.18 12.24
N TYR G 102 -6.71 11.41 11.67
CA TYR G 102 -7.36 10.53 10.70
C TYR G 102 -7.51 9.09 11.23
N ASN G 103 -7.62 8.95 12.55
CA ASN G 103 -7.80 7.66 13.18
C ASN G 103 -9.11 7.57 13.95
N ASP G 104 -9.99 8.57 13.80
CA ASP G 104 -11.16 8.68 14.68
C ASP G 104 -12.07 7.47 14.54
N ALA G 105 -12.31 7.04 13.32
CA ALA G 105 -12.74 5.68 13.03
C ALA G 105 -11.77 5.12 12.01
N VAL G 106 -11.23 3.94 12.30
CA VAL G 106 -10.40 3.18 11.38
C VAL G 106 -11.17 1.94 10.98
N VAL G 107 -11.26 1.70 9.66
CA VAL G 107 -12.03 0.58 9.14
C VAL G 107 -11.14 -0.27 8.26
N VAL G 108 -11.11 -1.58 8.53
CA VAL G 108 -10.34 -2.52 7.74
C VAL G 108 -11.29 -3.54 7.11
N ILE G 109 -11.22 -3.64 5.78
CA ILE G 109 -11.94 -4.66 5.01
C ILE G 109 -10.91 -5.65 4.49
N ASN G 110 -11.13 -6.95 4.72
CA ASN G 110 -10.18 -7.95 4.24
C ASN G 110 -10.89 -9.11 3.54
N TRP G 111 -10.28 -9.62 2.48
CA TRP G 111 -10.75 -10.80 1.78
C TRP G 111 -9.56 -11.40 1.02
N PRO G 112 -9.62 -12.69 0.65
CA PRO G 112 -10.73 -13.63 0.89
C PRO G 112 -10.72 -14.16 2.31
N LEU G 113 -11.85 -14.74 2.71
CA LEU G 113 -11.97 -15.44 3.98
C LEU G 113 -11.91 -16.94 3.75
N GLY G 114 -11.95 -17.68 4.86
CA GLY G 114 -12.03 -19.13 4.80
C GLY G 114 -10.67 -19.78 4.76
#